data_4L0L
#
_entry.id   4L0L
#
_cell.length_a   67.725
_cell.length_b   82.832
_cell.length_c   88.689
_cell.angle_alpha   90.00
_cell.angle_beta   90.00
_cell.angle_gamma   90.00
#
_symmetry.space_group_name_H-M   'P 21 21 21'
#
loop_
_entity.id
_entity.type
_entity.pdbx_description
1 polymer 'Penicillin-binding protein 3'
2 non-polymer '(6R,7S,10Z)-10-(2-amino-1,3-thiazol-4-yl)-1-(1,5-dihydroxy-4-oxo-1,4-dihydropyridin-2-yl)-7-formyl-13,13-dimethyl-3,9-dioxo-6-(sulfoamino)-12-oxa-2,4,8,11-tetraazatetradec-10-en-14-oic acid'
3 water water
#
_entity_poly.entity_id   1
_entity_poly.type   'polypeptide(L)'
_entity_poly.pdbx_seq_one_letter_code
;MGHHHHHARSVRHIAIPAHRGLITDRNGEPLAVSTPVTTLWANPKELMTAKERWPQLAAALGQDTKLFADRIEQNAEREF
IYLVRGLTPEQGEGVIALKVPGVYSIEEFRRFYPAGEVVAHAVGFTDVDDRGREGIELAFDEWLAGVPGKRQVLKDRRGR
VIKDVQVTKNAKPGKTLALSIDLRLQYLAHRELRNALLENGAKAGSLVIMDVKTGEILAMTNQPTYNPNNRRNLQPAAMR
NRAMIDVFEPGSTVKPFSMSAALASGRWKPSDIVDVYPGTLQIGRYTIRDVSRNSRQLDLTGILIKSSNVGISKIAFDIG
AESIYSVMQQVGLGQDTGLGFPGERVGNLPNHRKWPKAETATLAYGYGLSVTAIQLAHAYAALANDGKSVPLSMTRVDRV
PDGVQVISPEVASTVQGMLQQVVEAQGGVFRAQVPGYHAAGKSGTARKVSVGTKGYRENAYRSLFAGFAPATDPRIAMVV
VIDEPSKAGYFGGLVSAPVFSKVMAGALRLMNVPPDNLPTATEQQQVNAAPAKGGRG
;
_entity_poly.pdbx_strand_id   A
#
loop_
_chem_comp.id
_chem_comp.type
_chem_comp.name
_chem_comp.formula
PFV non-polymer '(6R,7S,10Z)-10-(2-amino-1,3-thiazol-4-yl)-1-(1,5-dihydroxy-4-oxo-1,4-dihydropyridin-2-yl)-7-formyl-13,13-dimethyl-3,9-dioxo-6-(sulfoamino)-12-oxa-2,4,8,11-tetraazatetradec-10-en-14-oic acid' 'C20 H26 N8 O12 S2'
#
# COMPACT_ATOMS: atom_id res chain seq x y z
N VAL A 11 -5.82 9.12 41.56
CA VAL A 11 -5.08 7.88 41.30
C VAL A 11 -3.56 8.11 41.13
N ARG A 12 -2.77 7.02 41.19
CA ARG A 12 -1.30 6.92 41.09
C ARG A 12 -0.52 8.01 40.31
N HIS A 13 -0.46 7.91 38.96
CA HIS A 13 0.37 8.77 38.12
C HIS A 13 -0.22 9.13 36.77
N ILE A 14 0.08 10.35 36.32
CA ILE A 14 -0.32 10.91 35.02
C ILE A 14 0.86 10.90 34.05
N ALA A 15 0.60 10.62 32.77
CA ALA A 15 1.63 10.61 31.74
C ALA A 15 1.56 11.90 30.92
N ILE A 16 2.72 12.54 30.66
CA ILE A 16 2.83 13.77 29.85
C ILE A 16 3.06 13.32 28.39
N PRO A 17 2.04 13.38 27.49
CA PRO A 17 2.24 12.88 26.12
C PRO A 17 3.39 13.52 25.37
N ALA A 18 4.23 12.67 24.72
CA ALA A 18 5.37 13.10 23.93
C ALA A 18 4.89 13.59 22.56
N HIS A 19 5.67 14.46 21.91
CA HIS A 19 5.40 14.98 20.58
C HIS A 19 5.75 13.88 19.59
N ARG A 20 4.75 13.32 18.91
CA ARG A 20 4.94 12.23 17.93
C ARG A 20 5.72 12.72 16.70
N GLY A 21 6.68 11.92 16.24
CA GLY A 21 7.54 12.20 15.09
C GLY A 21 6.79 12.57 13.80
N LEU A 22 7.29 13.59 13.12
CA LEU A 22 6.73 14.09 11.87
C LEU A 22 6.96 13.07 10.73
N ILE A 23 5.92 12.77 9.96
CA ILE A 23 6.10 11.93 8.78
C ILE A 23 6.09 12.86 7.56
N THR A 24 7.10 12.73 6.68
CA THR A 24 7.15 13.50 5.44
C THR A 24 7.25 12.53 4.28
N ASP A 25 7.03 13.03 3.06
CA ASP A 25 7.26 12.27 1.85
C ASP A 25 8.78 12.35 1.61
N ARG A 26 9.29 11.71 0.56
CA ARG A 26 10.74 11.70 0.28
C ARG A 26 11.42 13.10 0.13
N ASN A 27 10.62 14.15 -0.17
CA ASN A 27 11.10 15.52 -0.37
C ASN A 27 10.74 16.46 0.79
N GLY A 28 10.34 15.90 1.93
CA GLY A 28 10.03 16.71 3.11
C GLY A 28 8.65 17.32 3.17
N GLU A 29 7.74 16.95 2.24
CA GLU A 29 6.36 17.46 2.29
C GLU A 29 5.67 16.77 3.46
N PRO A 30 5.03 17.51 4.39
CA PRO A 30 4.41 16.86 5.57
C PRO A 30 3.19 16.00 5.25
N LEU A 31 3.17 14.83 5.90
CA LEU A 31 2.15 13.81 5.70
C LEU A 31 1.38 13.47 6.98
N ALA A 32 2.05 13.56 8.14
CA ALA A 32 1.43 13.33 9.46
C ALA A 32 2.11 14.30 10.43
N VAL A 33 1.32 15.24 11.00
CA VAL A 33 1.86 16.27 11.92
C VAL A 33 1.14 16.23 13.29
N SER A 34 1.94 16.24 14.37
CA SER A 34 1.44 16.26 15.74
C SER A 34 0.88 17.64 16.05
N THR A 35 -0.41 17.67 16.42
CA THR A 35 -1.07 18.92 16.76
C THR A 35 -1.52 18.97 18.22
N PRO A 36 -1.18 20.07 18.94
CA PRO A 36 -1.60 20.20 20.34
C PRO A 36 -3.10 20.16 20.51
N VAL A 37 -3.56 19.30 21.41
CA VAL A 37 -4.97 19.19 21.80
C VAL A 37 -5.02 19.29 23.32
N THR A 38 -6.18 19.71 23.88
CA THR A 38 -6.28 19.78 25.33
C THR A 38 -7.25 18.81 25.91
N THR A 39 -6.77 18.02 26.88
CA THR A 39 -7.53 17.03 27.60
C THR A 39 -7.90 17.62 28.96
N LEU A 40 -9.18 17.54 29.32
CA LEU A 40 -9.65 18.07 30.59
C LEU A 40 -10.02 16.96 31.53
N TRP A 41 -9.46 17.03 32.73
CA TRP A 41 -9.72 16.06 33.78
C TRP A 41 -10.18 16.81 35.04
N ALA A 42 -10.72 16.08 36.02
CA ALA A 42 -11.21 16.68 37.25
C ALA A 42 -10.99 15.85 38.50
N ASN A 43 -10.94 16.51 39.67
CA ASN A 43 -10.90 15.87 40.97
C ASN A 43 -12.33 16.04 41.52
N PRO A 44 -13.18 14.99 41.42
CA PRO A 44 -14.57 15.12 41.90
C PRO A 44 -14.74 15.71 43.29
N LYS A 45 -13.80 15.44 44.22
CA LYS A 45 -13.83 15.95 45.60
C LYS A 45 -13.90 17.49 45.60
N GLU A 46 -13.08 18.15 44.75
CA GLU A 46 -13.06 19.61 44.64
C GLU A 46 -14.23 20.13 43.81
N LEU A 47 -14.68 19.33 42.81
CA LEU A 47 -15.82 19.66 41.95
C LEU A 47 -17.08 19.84 42.77
N MET A 48 -17.25 19.03 43.84
CA MET A 48 -18.40 19.06 44.77
C MET A 48 -18.54 20.42 45.47
N THR A 49 -17.41 21.13 45.67
CA THR A 49 -17.40 22.45 46.31
C THR A 49 -17.96 23.55 45.39
N ALA A 50 -18.27 23.23 44.12
CA ALA A 50 -18.73 24.23 43.16
C ALA A 50 -19.85 23.73 42.25
N LYS A 51 -20.87 23.07 42.83
CA LYS A 51 -22.00 22.52 42.08
C LYS A 51 -22.73 23.54 41.22
N GLU A 52 -22.80 24.82 41.66
CA GLU A 52 -23.45 25.90 40.89
C GLU A 52 -22.74 26.17 39.54
N ARG A 53 -21.49 25.72 39.42
CA ARG A 53 -20.69 25.87 38.20
C ARG A 53 -20.90 24.73 37.19
N TRP A 54 -21.41 23.57 37.65
CA TRP A 54 -21.60 22.37 36.83
C TRP A 54 -22.42 22.59 35.54
N PRO A 55 -23.62 23.24 35.55
CA PRO A 55 -24.36 23.42 34.28
C PRO A 55 -23.55 24.13 33.20
N GLN A 56 -22.81 25.22 33.56
CA GLN A 56 -21.95 25.95 32.62
C GLN A 56 -20.83 25.05 32.10
N LEU A 57 -20.20 24.24 32.99
CA LEU A 57 -19.16 23.29 32.64
C LEU A 57 -19.71 22.24 31.67
N ALA A 58 -20.85 21.61 32.01
CA ALA A 58 -21.54 20.61 31.17
C ALA A 58 -21.78 21.17 29.76
N ALA A 59 -22.36 22.38 29.63
CA ALA A 59 -22.61 23.07 28.36
C ALA A 59 -21.31 23.35 27.57
N ALA A 60 -20.24 23.83 28.25
CA ALA A 60 -18.95 24.11 27.61
C ALA A 60 -18.30 22.83 27.04
N LEU A 61 -18.64 21.67 27.62
CA LEU A 61 -18.17 20.35 27.18
C LEU A 61 -19.21 19.70 26.24
N GLY A 62 -20.31 20.39 25.99
CA GLY A 62 -21.39 19.92 25.14
C GLY A 62 -22.38 19.01 25.83
N GLN A 63 -21.91 18.30 26.88
CA GLN A 63 -22.62 17.33 27.71
C GLN A 63 -23.94 17.86 28.28
N ASP A 64 -24.88 16.94 28.56
CA ASP A 64 -26.19 17.27 29.11
C ASP A 64 -26.04 17.57 30.60
N THR A 65 -26.75 18.60 31.10
CA THR A 65 -26.70 19.07 32.49
C THR A 65 -26.89 17.95 33.51
N LYS A 66 -28.01 17.21 33.41
CA LYS A 66 -28.33 16.11 34.33
C LYS A 66 -27.38 14.93 34.20
N LEU A 67 -27.09 14.51 32.95
CA LEU A 67 -26.17 13.40 32.69
C LEU A 67 -24.76 13.65 33.22
N PHE A 68 -24.28 14.91 33.11
CA PHE A 68 -22.98 15.33 33.64
C PHE A 68 -22.98 15.34 35.18
N ALA A 69 -24.06 15.88 35.81
CA ALA A 69 -24.19 15.94 37.28
C ALA A 69 -24.21 14.52 37.87
N ASP A 70 -24.91 13.59 37.19
CA ASP A 70 -25.00 12.17 37.52
C ASP A 70 -23.61 11.55 37.55
N ARG A 71 -22.80 11.82 36.50
CA ARG A 71 -21.42 11.33 36.39
C ARG A 71 -20.56 11.73 37.58
N ILE A 72 -20.54 13.03 37.92
CA ILE A 72 -19.73 13.55 39.04
C ILE A 72 -20.10 12.91 40.37
N GLU A 73 -21.40 12.94 40.73
CA GLU A 73 -21.94 12.35 41.97
C GLU A 73 -21.51 10.89 42.11
N GLN A 74 -21.56 10.11 41.02
CA GLN A 74 -21.17 8.71 40.95
C GLN A 74 -19.69 8.48 41.29
N ASN A 75 -18.81 9.45 40.99
CA ASN A 75 -17.37 9.36 41.22
C ASN A 75 -16.89 10.21 42.41
N ALA A 76 -17.80 10.55 43.35
CA ALA A 76 -17.53 11.37 44.55
C ALA A 76 -16.33 10.91 45.40
N GLU A 77 -16.04 9.60 45.38
CA GLU A 77 -14.93 9.01 46.13
C GLU A 77 -13.62 9.09 45.35
N ARG A 78 -13.67 8.92 44.00
CA ARG A 78 -12.53 8.99 43.07
C ARG A 78 -11.78 10.31 43.21
N GLU A 79 -10.43 10.24 43.13
CA GLU A 79 -9.54 11.39 43.29
C GLU A 79 -9.20 12.03 41.93
N PHE A 80 -9.53 11.31 40.84
CA PHE A 80 -9.26 11.71 39.46
C PHE A 80 -10.26 11.04 38.53
N ILE A 81 -10.74 11.80 37.53
CA ILE A 81 -11.63 11.35 36.45
C ILE A 81 -11.34 12.20 35.22
N TYR A 82 -11.53 11.63 34.02
CA TYR A 82 -11.35 12.39 32.79
C TYR A 82 -12.70 12.99 32.43
N LEU A 83 -12.71 14.28 32.06
CA LEU A 83 -13.96 14.94 31.64
C LEU A 83 -14.12 14.79 30.16
N VAL A 84 -13.10 15.21 29.39
CA VAL A 84 -13.11 15.19 27.93
C VAL A 84 -11.67 15.16 27.43
N ARG A 85 -11.45 14.47 26.30
CA ARG A 85 -10.14 14.36 25.68
C ARG A 85 -10.18 14.92 24.28
N GLY A 86 -9.04 15.47 23.86
CA GLY A 86 -8.83 15.95 22.51
C GLY A 86 -9.61 17.14 22.01
N LEU A 87 -9.90 18.10 22.90
CA LEU A 87 -10.54 19.35 22.50
C LEU A 87 -9.47 20.20 21.84
N THR A 88 -9.89 21.12 20.97
CA THR A 88 -8.94 22.05 20.32
C THR A 88 -8.50 23.03 21.41
N PRO A 89 -7.25 23.57 21.38
CA PRO A 89 -6.83 24.50 22.46
C PRO A 89 -7.77 25.67 22.72
N GLU A 90 -8.61 26.02 21.73
CA GLU A 90 -9.61 27.09 21.81
C GLU A 90 -10.78 26.66 22.71
N GLN A 91 -11.28 25.41 22.51
CA GLN A 91 -12.36 24.80 23.31
C GLN A 91 -11.89 24.53 24.74
N GLY A 92 -10.65 24.06 24.90
CA GLY A 92 -10.02 23.80 26.17
C GLY A 92 -9.86 25.04 27.04
N GLU A 93 -9.56 26.20 26.40
CA GLU A 93 -9.40 27.46 27.10
C GLU A 93 -10.73 28.07 27.56
N GLY A 94 -11.80 27.85 26.78
CA GLY A 94 -13.15 28.29 27.10
C GLY A 94 -13.63 27.72 28.43
N VAL A 95 -13.26 26.44 28.68
CA VAL A 95 -13.55 25.71 29.91
C VAL A 95 -12.73 26.27 31.06
N ILE A 96 -11.42 26.52 30.83
CA ILE A 96 -10.53 27.08 31.86
C ILE A 96 -10.97 28.52 32.23
N ALA A 97 -11.55 29.26 31.27
CA ALA A 97 -12.08 30.62 31.46
C ALA A 97 -13.24 30.62 32.49
N LEU A 98 -14.01 29.49 32.59
CA LEU A 98 -15.10 29.31 33.56
C LEU A 98 -14.56 29.28 35.00
N LYS A 99 -13.25 29.03 35.18
CA LYS A 99 -12.55 29.00 36.48
C LYS A 99 -13.24 28.06 37.48
N VAL A 100 -13.66 26.88 37.00
CA VAL A 100 -14.34 25.87 37.81
C VAL A 100 -13.35 25.14 38.75
N PRO A 101 -13.55 25.24 40.08
CA PRO A 101 -12.68 24.51 41.03
C PRO A 101 -12.68 23.00 40.78
N GLY A 102 -11.48 22.43 40.78
CA GLY A 102 -11.26 20.99 40.57
C GLY A 102 -11.16 20.54 39.14
N VAL A 103 -11.12 21.51 38.18
CA VAL A 103 -11.01 21.23 36.76
C VAL A 103 -9.56 21.52 36.34
N TYR A 104 -8.91 20.51 35.76
CA TYR A 104 -7.53 20.61 35.34
C TYR A 104 -7.33 20.23 33.90
N SER A 105 -6.19 20.67 33.32
CA SER A 105 -5.90 20.39 31.92
C SER A 105 -4.50 19.84 31.68
N ILE A 106 -4.40 18.95 30.67
CA ILE A 106 -3.15 18.36 30.20
C ILE A 106 -3.05 18.52 28.70
N GLU A 107 -1.88 18.95 28.22
CA GLU A 107 -1.61 19.16 26.81
C GLU A 107 -1.27 17.82 26.17
N GLU A 108 -2.19 17.32 25.32
CA GLU A 108 -2.06 16.06 24.59
C GLU A 108 -1.78 16.33 23.11
N PHE A 109 -1.64 15.26 22.30
CA PHE A 109 -1.38 15.34 20.87
C PHE A 109 -2.33 14.48 20.08
N ARG A 110 -2.73 15.00 18.91
CA ARG A 110 -3.57 14.34 17.94
C ARG A 110 -2.93 14.57 16.58
N ARG A 111 -3.03 13.58 15.69
CA ARG A 111 -2.45 13.70 14.37
C ARG A 111 -3.33 14.43 13.37
N PHE A 112 -2.71 15.29 12.57
CA PHE A 112 -3.33 15.95 11.42
C PHE A 112 -2.59 15.42 10.17
N TYR A 113 -3.36 15.07 9.13
CA TYR A 113 -2.84 14.49 7.89
C TYR A 113 -3.13 15.42 6.73
N PRO A 114 -2.15 16.30 6.39
CA PRO A 114 -2.39 17.31 5.34
C PRO A 114 -2.83 16.79 3.98
N ALA A 115 -2.34 15.61 3.55
CA ALA A 115 -2.77 15.06 2.26
C ALA A 115 -4.07 14.23 2.36
N GLY A 116 -4.57 14.04 3.58
CA GLY A 116 -5.80 13.32 3.87
C GLY A 116 -5.95 11.97 3.20
N GLU A 117 -7.05 11.81 2.44
CA GLU A 117 -7.41 10.57 1.74
C GLU A 117 -6.43 10.10 0.69
N VAL A 118 -5.62 11.01 0.15
CA VAL A 118 -4.61 10.80 -0.88
C VAL A 118 -3.54 9.75 -0.50
N VAL A 119 -2.98 9.82 0.73
CA VAL A 119 -1.97 8.85 1.23
C VAL A 119 -2.43 8.12 2.49
N ALA A 120 -3.76 8.08 2.76
CA ALA A 120 -4.31 7.49 3.99
C ALA A 120 -3.77 6.10 4.33
N HIS A 121 -3.88 5.14 3.41
CA HIS A 121 -3.46 3.74 3.62
C HIS A 121 -1.97 3.59 3.83
N ALA A 122 -1.15 4.34 3.09
CA ALA A 122 0.31 4.28 3.26
C ALA A 122 0.74 4.91 4.60
N VAL A 123 0.35 6.16 4.89
CA VAL A 123 0.73 6.87 6.13
C VAL A 123 0.12 6.17 7.36
N GLY A 124 -1.15 5.82 7.25
CA GLY A 124 -1.85 5.14 8.31
C GLY A 124 -2.70 6.06 9.16
N PHE A 125 -2.97 5.60 10.37
CA PHE A 125 -3.87 6.24 11.32
C PHE A 125 -3.40 5.95 12.75
N THR A 126 -3.74 6.85 13.68
CA THR A 126 -3.41 6.74 15.11
C THR A 126 -4.69 6.45 15.94
N ASP A 127 -4.53 5.92 17.16
CA ASP A 127 -5.72 5.67 17.99
C ASP A 127 -5.95 6.85 18.97
N VAL A 128 -6.85 6.70 19.96
CA VAL A 128 -7.15 7.71 20.97
C VAL A 128 -5.96 8.16 21.79
N ASP A 129 -4.98 7.27 21.99
CA ASP A 129 -3.76 7.54 22.77
C ASP A 129 -2.58 7.96 21.93
N ASP A 130 -2.86 8.37 20.67
CA ASP A 130 -1.86 8.81 19.68
C ASP A 130 -0.83 7.72 19.31
N ARG A 131 -1.24 6.46 19.36
CA ARG A 131 -0.41 5.30 19.02
C ARG A 131 -0.82 4.85 17.63
N GLY A 132 0.15 4.43 16.81
CA GLY A 132 -0.07 3.91 15.47
C GLY A 132 -1.08 2.78 15.47
N ARG A 133 -2.04 2.85 14.55
CA ARG A 133 -3.16 1.90 14.42
C ARG A 133 -3.13 1.19 13.07
N GLU A 134 -2.61 1.85 12.02
CA GLU A 134 -2.52 1.37 10.65
C GLU A 134 -1.30 1.97 9.95
N GLY A 135 -0.94 1.38 8.81
CA GLY A 135 0.14 1.77 7.90
C GLY A 135 1.45 2.08 8.57
N ILE A 136 2.14 3.12 8.10
CA ILE A 136 3.41 3.56 8.67
C ILE A 136 3.30 3.92 10.15
N GLU A 137 2.22 4.63 10.57
CA GLU A 137 1.99 5.05 11.96
C GLU A 137 2.20 3.85 12.88
N LEU A 138 1.60 2.69 12.52
CA LEU A 138 1.72 1.40 13.19
C LEU A 138 3.13 0.79 13.01
N ALA A 139 3.59 0.56 11.76
CA ALA A 139 4.89 -0.07 11.48
C ALA A 139 6.11 0.64 12.09
N PHE A 140 6.13 1.98 12.10
CA PHE A 140 7.24 2.71 12.71
C PHE A 140 6.82 3.38 14.02
N ASP A 141 5.81 2.81 14.71
CA ASP A 141 5.28 3.34 15.98
C ASP A 141 6.35 3.65 17.00
N GLU A 142 7.26 2.69 17.25
CA GLU A 142 8.36 2.83 18.20
C GLU A 142 9.28 4.01 17.82
N TRP A 143 9.61 4.13 16.52
CA TRP A 143 10.44 5.22 16.00
C TRP A 143 9.76 6.60 16.17
N LEU A 144 8.47 6.66 15.88
CA LEU A 144 7.66 7.88 15.89
C LEU A 144 7.18 8.33 17.27
N ALA A 145 6.89 7.39 18.18
CA ALA A 145 6.31 7.72 19.50
C ALA A 145 7.19 8.43 20.52
N GLY A 146 8.46 8.07 20.60
CA GLY A 146 9.34 8.60 21.64
C GLY A 146 8.96 8.04 23.01
N VAL A 147 9.15 8.83 24.11
CA VAL A 147 8.80 8.38 25.48
C VAL A 147 7.96 9.41 26.28
N PRO A 148 6.88 8.99 26.99
CA PRO A 148 6.08 9.97 27.74
C PRO A 148 6.81 10.60 28.94
N GLY A 149 6.30 11.74 29.39
CA GLY A 149 6.84 12.51 30.50
C GLY A 149 6.59 11.95 31.88
N LYS A 150 7.54 12.19 32.80
CA LYS A 150 7.52 11.71 34.18
C LYS A 150 7.65 12.85 35.20
N ARG A 151 6.51 13.25 35.79
CA ARG A 151 6.41 14.24 36.85
C ARG A 151 5.55 13.68 37.98
N GLN A 152 6.07 13.71 39.22
CA GLN A 152 5.35 13.17 40.37
C GLN A 152 4.29 14.14 40.90
N VAL A 153 3.01 13.80 40.68
CA VAL A 153 1.86 14.59 41.15
C VAL A 153 1.70 14.36 42.66
N LEU A 154 2.16 15.35 43.46
CA LEU A 154 2.16 15.29 44.92
C LEU A 154 1.36 16.40 45.61
N LYS A 155 0.50 15.98 46.57
CA LYS A 155 -0.38 16.83 47.38
C LYS A 155 0.02 16.55 48.85
N ASP A 156 -0.88 15.87 49.60
CA ASP A 156 -0.72 15.41 50.99
C ASP A 156 -1.76 14.33 51.30
N ARG A 157 -3.07 14.63 51.01
CA ARG A 157 -4.26 13.77 51.14
C ARG A 157 -5.55 14.56 50.78
N ARG A 158 -5.63 15.05 49.52
CA ARG A 158 -6.76 15.83 49.01
C ARG A 158 -6.98 15.66 47.50
N GLY A 159 -6.09 16.26 46.70
CA GLY A 159 -6.14 16.26 45.24
C GLY A 159 -5.60 17.55 44.63
N ARG A 160 -5.39 18.58 45.47
CA ARG A 160 -4.82 19.87 45.08
C ARG A 160 -3.30 19.68 45.06
N VAL A 161 -2.68 19.73 43.86
CA VAL A 161 -1.24 19.54 43.69
C VAL A 161 -0.48 20.64 44.47
N ILE A 162 -0.05 20.29 45.70
CA ILE A 162 0.66 21.17 46.62
C ILE A 162 2.05 21.61 46.10
N LYS A 163 2.76 20.70 45.38
CA LYS A 163 4.09 20.99 44.82
C LYS A 163 4.44 20.19 43.57
N ASP A 164 5.23 20.82 42.67
CA ASP A 164 5.75 20.23 41.44
C ASP A 164 7.21 19.85 41.79
N VAL A 165 7.34 18.77 42.58
CA VAL A 165 8.59 18.23 43.14
C VAL A 165 9.68 17.77 42.15
N GLN A 166 9.84 16.44 41.97
CA GLN A 166 10.87 15.83 41.13
C GLN A 166 10.48 15.57 39.66
N VAL A 167 10.99 16.43 38.77
CA VAL A 167 10.81 16.35 37.32
C VAL A 167 12.09 15.77 36.69
N THR A 168 12.26 14.44 36.82
CA THR A 168 13.44 13.71 36.34
C THR A 168 13.42 13.52 34.81
N LYS A 169 13.35 12.27 34.33
CA LYS A 169 13.34 11.95 32.90
C LYS A 169 11.98 12.32 32.29
N ASN A 170 11.88 13.55 31.76
CA ASN A 170 10.66 14.07 31.13
C ASN A 170 10.48 13.60 29.67
N ALA A 171 9.38 14.02 29.02
CA ALA A 171 8.99 13.64 27.65
C ALA A 171 10.05 13.89 26.58
N LYS A 172 10.43 12.80 25.88
CA LYS A 172 11.38 12.81 24.77
C LYS A 172 10.59 12.80 23.46
N PRO A 173 10.79 13.80 22.57
CA PRO A 173 10.06 13.80 21.29
C PRO A 173 10.39 12.60 20.41
N GLY A 174 9.41 12.20 19.60
CA GLY A 174 9.56 11.13 18.63
C GLY A 174 10.44 11.61 17.47
N LYS A 175 10.92 10.67 16.64
CA LYS A 175 11.81 11.03 15.54
C LYS A 175 11.08 11.19 14.20
N THR A 176 11.58 12.11 13.37
CA THR A 176 11.05 12.36 12.03
C THR A 176 11.28 11.13 11.13
N LEU A 177 10.35 10.88 10.21
CA LEU A 177 10.48 9.79 9.25
C LEU A 177 10.13 10.29 7.86
N ALA A 178 11.05 10.12 6.91
CA ALA A 178 10.86 10.50 5.52
C ALA A 178 10.55 9.20 4.76
N LEU A 179 9.33 9.12 4.22
CA LEU A 179 8.87 7.97 3.44
C LEU A 179 9.47 7.98 2.06
N SER A 180 9.40 6.82 1.39
CA SER A 180 9.85 6.63 0.01
C SER A 180 8.85 7.32 -0.94
N ILE A 181 7.58 7.44 -0.50
CA ILE A 181 6.48 8.08 -1.25
C ILE A 181 6.86 9.48 -1.72
N ASP A 182 6.58 9.77 -2.99
CA ASP A 182 6.71 11.09 -3.61
C ASP A 182 5.25 11.53 -3.73
N LEU A 183 4.83 12.53 -2.93
CA LEU A 183 3.45 13.05 -2.91
C LEU A 183 2.93 13.49 -4.27
N ARG A 184 3.82 14.00 -5.14
CA ARG A 184 3.50 14.43 -6.52
C ARG A 184 3.03 13.22 -7.34
N LEU A 185 3.75 12.08 -7.23
CA LEU A 185 3.36 10.84 -7.91
C LEU A 185 2.15 10.23 -7.25
N GLN A 186 2.07 10.34 -5.91
CA GLN A 186 0.94 9.84 -5.12
C GLN A 186 -0.39 10.53 -5.54
N TYR A 187 -0.38 11.87 -5.70
CA TYR A 187 -1.54 12.66 -6.13
C TYR A 187 -2.04 12.13 -7.47
N LEU A 188 -1.11 12.02 -8.44
CA LEU A 188 -1.42 11.54 -9.78
C LEU A 188 -2.01 10.13 -9.73
N ALA A 189 -1.33 9.20 -9.01
CA ALA A 189 -1.77 7.82 -8.89
C ALA A 189 -3.16 7.77 -8.28
N HIS A 190 -3.42 8.58 -7.23
CA HIS A 190 -4.70 8.66 -6.52
C HIS A 190 -5.84 9.10 -7.43
N ARG A 191 -5.63 10.21 -8.16
CA ARG A 191 -6.58 10.80 -9.08
C ARG A 191 -6.94 9.84 -10.19
N GLU A 192 -5.91 9.25 -10.83
CA GLU A 192 -6.13 8.35 -11.94
C GLU A 192 -6.84 7.07 -11.56
N LEU A 193 -6.47 6.48 -10.40
CA LEU A 193 -7.13 5.26 -9.93
C LEU A 193 -8.59 5.56 -9.54
N ARG A 194 -8.84 6.70 -8.86
CA ARG A 194 -10.18 7.17 -8.48
C ARG A 194 -11.07 7.29 -9.73
N ASN A 195 -10.58 7.98 -10.79
CA ASN A 195 -11.30 8.18 -12.06
C ASN A 195 -11.61 6.88 -12.79
N ALA A 196 -10.65 5.92 -12.79
CA ALA A 196 -10.84 4.61 -13.44
C ALA A 196 -11.88 3.76 -12.73
N LEU A 197 -11.94 3.85 -11.39
CA LEU A 197 -12.91 3.13 -10.56
C LEU A 197 -14.32 3.60 -10.94
N LEU A 198 -14.48 4.93 -11.09
CA LEU A 198 -15.75 5.58 -11.48
C LEU A 198 -16.14 5.27 -12.92
N GLU A 199 -15.19 5.39 -13.88
CA GLU A 199 -15.43 5.09 -15.31
C GLU A 199 -15.75 3.62 -15.57
N ASN A 200 -15.31 2.73 -14.67
CA ASN A 200 -15.53 1.29 -14.79
C ASN A 200 -16.56 0.75 -13.80
N GLY A 201 -17.06 1.61 -12.91
CA GLY A 201 -18.03 1.20 -11.88
C GLY A 201 -17.51 0.06 -11.02
N ALA A 202 -16.19 0.09 -10.73
CA ALA A 202 -15.50 -0.95 -10.00
C ALA A 202 -15.69 -0.91 -8.49
N LYS A 203 -15.63 -2.09 -7.86
CA LYS A 203 -15.77 -2.27 -6.41
C LYS A 203 -14.57 -1.67 -5.66
N ALA A 204 -13.35 -1.97 -6.13
CA ALA A 204 -12.11 -1.52 -5.50
C ALA A 204 -10.94 -1.45 -6.52
N GLY A 205 -9.78 -1.02 -6.03
CA GLY A 205 -8.59 -0.91 -6.84
C GLY A 205 -7.33 -0.64 -6.04
N SER A 206 -6.18 -0.92 -6.65
CA SER A 206 -4.88 -0.64 -6.04
C SER A 206 -3.94 -0.24 -7.15
N LEU A 207 -3.01 0.65 -6.84
CA LEU A 207 -1.98 1.06 -7.80
C LEU A 207 -0.72 1.28 -7.00
N VAL A 208 0.37 0.62 -7.38
CA VAL A 208 1.67 0.73 -6.73
C VAL A 208 2.67 1.21 -7.80
N ILE A 209 3.51 2.21 -7.45
CA ILE A 209 4.59 2.72 -8.30
C ILE A 209 5.87 2.44 -7.54
N MET A 210 6.87 1.85 -8.19
CA MET A 210 8.12 1.55 -7.53
C MET A 210 9.32 2.03 -8.31
N ASP A 211 10.39 2.38 -7.58
CA ASP A 211 11.66 2.74 -8.21
C ASP A 211 12.40 1.41 -8.38
N VAL A 212 12.60 0.99 -9.62
CA VAL A 212 13.26 -0.29 -9.92
C VAL A 212 14.72 -0.40 -9.44
N LYS A 213 15.43 0.75 -9.35
CA LYS A 213 16.83 0.84 -8.92
C LYS A 213 17.05 0.79 -7.41
N THR A 214 16.16 1.44 -6.63
CA THR A 214 16.31 1.58 -5.16
C THR A 214 15.35 0.72 -4.31
N GLY A 215 14.34 0.13 -4.94
CA GLY A 215 13.34 -0.68 -4.24
C GLY A 215 12.31 0.14 -3.49
N GLU A 216 12.30 1.48 -3.67
CA GLU A 216 11.40 2.40 -3.01
C GLU A 216 10.00 2.35 -3.56
N ILE A 217 9.01 2.41 -2.67
CA ILE A 217 7.61 2.50 -3.06
C ILE A 217 7.36 4.01 -3.27
N LEU A 218 7.26 4.47 -4.53
CA LEU A 218 7.07 5.91 -4.83
C LEU A 218 5.61 6.35 -4.65
N ALA A 219 4.68 5.42 -4.86
CA ALA A 219 3.23 5.63 -4.70
C ALA A 219 2.57 4.31 -4.42
N MET A 220 1.54 4.37 -3.60
CA MET A 220 0.73 3.23 -3.21
C MET A 220 -0.63 3.82 -2.89
N THR A 221 -1.58 3.60 -3.76
CA THR A 221 -2.94 4.11 -3.56
C THR A 221 -3.94 2.99 -3.70
N ASN A 222 -5.06 3.08 -2.96
CA ASN A 222 -6.17 2.14 -3.04
C ASN A 222 -7.46 2.91 -3.09
N GLN A 223 -8.48 2.28 -3.69
CA GLN A 223 -9.86 2.73 -3.72
C GLN A 223 -10.64 1.53 -3.18
N PRO A 224 -11.61 1.70 -2.26
CA PRO A 224 -12.01 2.97 -1.62
C PRO A 224 -10.94 3.48 -0.66
N THR A 225 -10.96 4.79 -0.44
CA THR A 225 -10.10 5.47 0.54
C THR A 225 -10.99 6.20 1.58
N TYR A 226 -10.38 6.80 2.61
CA TYR A 226 -11.08 7.51 3.69
C TYR A 226 -10.25 8.72 4.09
N ASN A 227 -10.87 9.70 4.73
CA ASN A 227 -10.22 10.88 5.24
C ASN A 227 -9.77 10.55 6.67
N PRO A 228 -8.44 10.36 6.91
CA PRO A 228 -7.98 9.99 8.26
C PRO A 228 -8.06 11.13 9.28
N ASN A 229 -8.53 12.31 8.86
CA ASN A 229 -8.71 13.48 9.72
C ASN A 229 -10.15 13.48 10.29
N ASN A 230 -11.06 12.71 9.66
CA ASN A 230 -12.45 12.55 10.08
C ASN A 230 -12.48 11.29 10.96
N ARG A 231 -12.27 11.49 12.26
CA ARG A 231 -12.18 10.43 13.27
C ARG A 231 -13.47 9.70 13.68
N ARG A 232 -14.59 10.07 13.05
CA ARG A 232 -15.89 9.41 13.22
C ARG A 232 -16.26 8.73 11.89
N ASN A 233 -17.42 8.04 11.82
CA ASN A 233 -17.91 7.28 10.64
C ASN A 233 -17.07 6.00 10.36
N LEU A 234 -15.72 6.14 10.31
CA LEU A 234 -14.70 5.10 10.07
C LEU A 234 -15.19 3.78 9.47
N GLN A 235 -15.19 3.71 8.13
CA GLN A 235 -15.61 2.56 7.32
C GLN A 235 -14.43 1.55 7.25
N PRO A 236 -14.49 0.40 7.98
CA PRO A 236 -13.36 -0.54 7.95
C PRO A 236 -12.87 -1.00 6.57
N ALA A 237 -13.79 -1.18 5.59
CA ALA A 237 -13.46 -1.57 4.22
C ALA A 237 -12.67 -0.47 3.50
N ALA A 238 -13.03 0.80 3.75
CA ALA A 238 -12.35 1.97 3.17
C ALA A 238 -10.97 2.19 3.76
N MET A 239 -10.70 1.64 4.96
CA MET A 239 -9.41 1.75 5.64
C MET A 239 -8.43 0.63 5.26
N ARG A 240 -8.86 -0.34 4.45
CA ARG A 240 -8.00 -1.45 4.07
C ARG A 240 -6.97 -1.02 3.08
N ASN A 241 -5.66 -1.24 3.40
CA ASN A 241 -4.56 -0.97 2.48
C ASN A 241 -4.49 -2.22 1.60
N ARG A 242 -5.40 -2.32 0.62
CA ARG A 242 -5.57 -3.45 -0.29
C ARG A 242 -4.29 -3.89 -1.00
N ALA A 243 -3.47 -2.91 -1.42
CA ALA A 243 -2.18 -3.13 -2.10
C ALA A 243 -1.27 -4.04 -1.30
N MET A 244 -1.39 -4.03 0.04
CA MET A 244 -0.57 -4.84 0.95
C MET A 244 -1.34 -5.90 1.73
N ILE A 245 -2.66 -5.82 1.77
CA ILE A 245 -3.44 -6.75 2.59
C ILE A 245 -4.38 -7.65 1.82
N ASP A 246 -4.66 -7.31 0.57
CA ASP A 246 -5.54 -8.13 -0.25
C ASP A 246 -4.73 -9.01 -1.19
N VAL A 247 -5.11 -10.29 -1.27
CA VAL A 247 -4.47 -11.25 -2.16
C VAL A 247 -5.38 -11.46 -3.34
N PHE A 248 -4.79 -11.81 -4.48
CA PHE A 248 -5.55 -12.04 -5.71
C PHE A 248 -4.77 -12.96 -6.60
N GLU A 249 -5.41 -13.53 -7.61
CA GLU A 249 -4.73 -14.37 -8.58
C GLU A 249 -4.11 -13.46 -9.61
N PRO A 250 -2.76 -13.48 -9.76
CA PRO A 250 -2.12 -12.57 -10.71
C PRO A 250 -2.38 -12.96 -12.16
N GLY A 251 -2.79 -14.21 -12.38
CA GLY A 251 -3.09 -14.68 -13.73
C GLY A 251 -1.95 -14.47 -14.71
N SER A 252 -2.27 -13.98 -15.93
CA SER A 252 -1.31 -13.75 -17.04
C SER A 252 -0.13 -12.81 -16.74
N THR A 253 -0.19 -12.03 -15.66
CA THR A 253 0.90 -11.15 -15.26
C THR A 253 2.14 -11.93 -14.79
N VAL A 254 2.02 -13.25 -14.54
CA VAL A 254 3.16 -14.11 -14.14
C VAL A 254 3.88 -14.76 -15.31
N LYS A 255 3.27 -14.76 -16.51
CA LYS A 255 3.81 -15.36 -17.76
C LYS A 255 5.22 -14.83 -18.11
N PRO A 256 5.58 -13.53 -17.85
CA PRO A 256 6.97 -13.10 -18.09
C PRO A 256 7.97 -13.86 -17.21
N PHE A 257 7.56 -14.32 -16.01
CA PHE A 257 8.41 -15.12 -15.11
C PHE A 257 8.51 -16.57 -15.59
N SER A 258 7.41 -17.11 -16.18
CA SER A 258 7.40 -18.45 -16.79
C SER A 258 8.36 -18.43 -18.01
N MET A 259 8.30 -17.35 -18.79
CA MET A 259 9.13 -17.11 -19.96
C MET A 259 10.60 -16.90 -19.54
N SER A 260 10.85 -16.27 -18.38
CA SER A 260 12.24 -16.08 -17.89
C SER A 260 12.87 -17.44 -17.62
N ALA A 261 12.14 -18.37 -16.98
CA ALA A 261 12.60 -19.74 -16.71
C ALA A 261 12.85 -20.48 -18.01
N ALA A 262 11.95 -20.31 -19.02
CA ALA A 262 12.11 -20.93 -20.34
C ALA A 262 13.39 -20.49 -21.02
N LEU A 263 13.66 -19.17 -21.04
CA LEU A 263 14.88 -18.62 -21.65
C LEU A 263 16.18 -18.97 -20.90
N ALA A 264 16.08 -19.14 -19.57
CA ALA A 264 17.22 -19.50 -18.73
C ALA A 264 17.51 -21.01 -18.79
N SER A 265 16.58 -21.79 -19.33
CA SER A 265 16.68 -23.25 -19.37
C SER A 265 17.68 -23.79 -20.40
N GLY A 266 17.93 -23.00 -21.42
CA GLY A 266 18.79 -23.40 -22.54
C GLY A 266 18.01 -24.12 -23.63
N ARG A 267 16.71 -24.34 -23.39
CA ARG A 267 15.82 -25.06 -24.31
C ARG A 267 14.95 -24.19 -25.20
N TRP A 268 14.91 -22.87 -24.93
CA TRP A 268 14.06 -21.92 -25.63
C TRP A 268 14.73 -20.63 -26.03
N LYS A 269 14.35 -20.12 -27.20
CA LYS A 269 14.76 -18.81 -27.74
C LYS A 269 13.51 -18.06 -28.21
N PRO A 270 13.50 -16.70 -28.22
CA PRO A 270 12.27 -15.97 -28.61
C PRO A 270 11.66 -16.37 -29.95
N SER A 271 12.48 -16.69 -30.97
CA SER A 271 12.02 -17.08 -32.30
C SER A 271 11.41 -18.49 -32.34
N ASP A 272 11.52 -19.28 -31.24
CA ASP A 272 10.91 -20.62 -31.21
C ASP A 272 9.41 -20.55 -31.39
N ILE A 273 8.81 -21.61 -31.86
CA ILE A 273 7.38 -21.62 -32.14
C ILE A 273 6.70 -22.71 -31.29
N VAL A 274 5.52 -22.42 -30.76
CA VAL A 274 4.69 -23.38 -30.04
C VAL A 274 3.37 -23.43 -30.81
N ASP A 275 2.87 -24.65 -31.10
CA ASP A 275 1.59 -24.85 -31.78
C ASP A 275 0.47 -24.87 -30.71
N VAL A 276 -0.39 -23.86 -30.73
CA VAL A 276 -1.49 -23.75 -29.76
C VAL A 276 -2.86 -24.22 -30.29
N TYR A 277 -2.92 -24.69 -31.55
CA TYR A 277 -4.18 -25.16 -32.16
C TYR A 277 -4.71 -26.37 -31.37
N PRO A 278 -6.03 -26.53 -31.14
CA PRO A 278 -7.17 -25.69 -31.56
C PRO A 278 -7.59 -24.65 -30.53
N GLY A 279 -6.62 -24.18 -29.74
CA GLY A 279 -6.84 -23.21 -28.67
C GLY A 279 -7.21 -23.87 -27.35
N THR A 280 -7.13 -25.20 -27.30
CA THR A 280 -7.41 -26.00 -26.12
C THR A 280 -6.32 -27.05 -26.00
N LEU A 281 -6.07 -27.49 -24.77
CA LEU A 281 -5.11 -28.53 -24.47
C LEU A 281 -5.69 -29.45 -23.41
N GLN A 282 -5.67 -30.76 -23.68
CA GLN A 282 -6.20 -31.77 -22.77
C GLN A 282 -5.17 -32.33 -21.81
N ILE A 283 -5.42 -32.15 -20.51
CA ILE A 283 -4.56 -32.61 -19.41
C ILE A 283 -5.43 -33.34 -18.38
N GLY A 284 -5.46 -34.67 -18.50
CA GLY A 284 -6.26 -35.55 -17.67
C GLY A 284 -7.73 -35.27 -17.84
N ARG A 285 -8.39 -34.85 -16.76
CA ARG A 285 -9.80 -34.49 -16.79
C ARG A 285 -9.96 -32.95 -16.78
N TYR A 286 -8.84 -32.24 -16.97
CA TYR A 286 -8.82 -30.79 -17.01
C TYR A 286 -8.53 -30.28 -18.42
N THR A 287 -9.09 -29.12 -18.76
CA THR A 287 -8.87 -28.51 -20.07
C THR A 287 -8.28 -27.11 -19.95
N ILE A 288 -7.07 -26.91 -20.51
CA ILE A 288 -6.46 -25.59 -20.53
C ILE A 288 -7.17 -24.94 -21.73
N ARG A 289 -7.58 -23.66 -21.61
CA ARG A 289 -8.30 -22.98 -22.68
C ARG A 289 -7.84 -21.56 -22.89
N ASP A 290 -7.67 -21.19 -24.16
CA ASP A 290 -7.34 -19.83 -24.59
C ASP A 290 -8.65 -19.12 -24.94
N VAL A 291 -8.66 -17.79 -24.82
CA VAL A 291 -9.83 -16.96 -25.11
C VAL A 291 -10.01 -16.82 -26.61
N SER A 292 -8.99 -16.28 -27.30
CA SER A 292 -8.96 -16.13 -28.76
C SER A 292 -8.31 -17.43 -29.24
N ARG A 293 -9.11 -18.31 -29.86
CA ARG A 293 -8.65 -19.62 -30.32
C ARG A 293 -8.56 -19.63 -31.84
N ASN A 294 -7.84 -18.65 -32.39
CA ASN A 294 -7.64 -18.43 -33.82
C ASN A 294 -6.15 -18.54 -34.20
N SER A 295 -5.41 -19.31 -33.42
CA SER A 295 -3.98 -19.44 -33.63
C SER A 295 -3.55 -20.86 -33.76
N ARG A 296 -2.41 -21.04 -34.43
CA ARG A 296 -1.73 -22.31 -34.55
C ARG A 296 -0.31 -22.05 -34.04
N GLN A 297 0.63 -21.71 -34.93
CA GLN A 297 2.00 -21.46 -34.53
C GLN A 297 2.15 -20.06 -33.97
N LEU A 298 2.77 -19.95 -32.80
CA LEU A 298 3.02 -18.66 -32.16
C LEU A 298 4.45 -18.66 -31.69
N ASP A 299 5.19 -17.56 -31.92
CA ASP A 299 6.52 -17.50 -31.34
C ASP A 299 6.36 -17.12 -29.84
N LEU A 300 7.44 -17.06 -29.06
CA LEU A 300 7.32 -16.77 -27.61
C LEU A 300 6.71 -15.42 -27.31
N THR A 301 7.07 -14.38 -28.10
CA THR A 301 6.49 -13.04 -27.95
C THR A 301 4.97 -13.10 -28.26
N GLY A 302 4.61 -13.84 -29.31
CA GLY A 302 3.24 -14.06 -29.73
C GLY A 302 2.36 -14.68 -28.66
N ILE A 303 2.92 -15.63 -27.89
CA ILE A 303 2.23 -16.28 -26.75
C ILE A 303 1.86 -15.22 -25.71
N LEU A 304 2.76 -14.24 -25.48
CA LEU A 304 2.50 -13.14 -24.55
C LEU A 304 1.51 -12.11 -25.13
N ILE A 305 1.61 -11.77 -26.42
CA ILE A 305 0.69 -10.80 -27.08
C ILE A 305 -0.73 -11.33 -27.04
N LYS A 306 -0.91 -12.59 -27.45
CA LYS A 306 -2.19 -13.29 -27.52
C LYS A 306 -2.61 -13.83 -26.15
N SER A 307 -1.68 -13.79 -25.19
CA SER A 307 -1.84 -14.31 -23.83
C SER A 307 -2.43 -15.72 -23.84
N SER A 308 -1.69 -16.61 -24.47
CA SER A 308 -2.07 -18.00 -24.65
C SER A 308 -1.70 -18.82 -23.43
N ASN A 309 -2.71 -19.32 -22.71
CA ASN A 309 -2.55 -20.22 -21.58
C ASN A 309 -2.01 -21.55 -22.07
N VAL A 310 -2.48 -21.99 -23.25
CA VAL A 310 -2.02 -23.22 -23.90
C VAL A 310 -0.52 -23.13 -24.21
N GLY A 311 -0.12 -22.05 -24.91
CA GLY A 311 1.27 -21.83 -25.29
C GLY A 311 2.24 -21.88 -24.12
N ILE A 312 1.91 -21.14 -23.04
CA ILE A 312 2.71 -21.06 -21.82
C ILE A 312 2.77 -22.40 -21.09
N SER A 313 1.66 -23.16 -21.07
CA SER A 313 1.55 -24.48 -20.44
C SER A 313 2.46 -25.49 -21.15
N LYS A 314 2.53 -25.45 -22.49
CA LYS A 314 3.37 -26.37 -23.28
C LYS A 314 4.87 -26.12 -23.01
N ILE A 315 5.24 -24.84 -22.90
CA ILE A 315 6.62 -24.44 -22.57
C ILE A 315 6.92 -24.95 -21.15
N ALA A 316 5.96 -24.79 -20.21
CA ALA A 316 6.05 -25.25 -18.81
C ALA A 316 6.32 -26.76 -18.71
N PHE A 317 5.62 -27.59 -19.54
CA PHE A 317 5.78 -29.05 -19.53
C PHE A 317 7.19 -29.43 -19.97
N ASP A 318 7.73 -28.71 -20.97
CA ASP A 318 9.05 -28.95 -21.51
C ASP A 318 10.16 -28.61 -20.52
N ILE A 319 10.08 -27.46 -19.85
CA ILE A 319 11.12 -27.02 -18.91
C ILE A 319 10.96 -27.56 -17.48
N GLY A 320 9.73 -27.87 -17.08
CA GLY A 320 9.45 -28.34 -15.73
C GLY A 320 8.96 -27.19 -14.86
N ALA A 321 8.06 -27.48 -13.93
CA ALA A 321 7.52 -26.45 -13.03
C ALA A 321 8.54 -25.93 -12.03
N GLU A 322 9.51 -26.77 -11.65
CA GLU A 322 10.53 -26.39 -10.67
C GLU A 322 11.21 -25.09 -11.03
N SER A 323 11.66 -24.98 -12.30
CA SER A 323 12.34 -23.82 -12.86
C SER A 323 11.45 -22.59 -12.81
N ILE A 324 10.14 -22.75 -13.07
CA ILE A 324 9.18 -21.64 -13.05
C ILE A 324 8.95 -21.19 -11.60
N TYR A 325 8.63 -22.13 -10.70
CA TYR A 325 8.39 -21.86 -9.29
C TYR A 325 9.56 -21.06 -8.70
N SER A 326 10.80 -21.48 -9.02
CA SER A 326 12.03 -20.86 -8.51
C SER A 326 12.16 -19.39 -8.92
N VAL A 327 11.84 -19.04 -10.18
CA VAL A 327 11.87 -17.64 -10.63
C VAL A 327 10.83 -16.86 -9.81
N MET A 328 9.59 -17.37 -9.76
CA MET A 328 8.47 -16.72 -9.07
C MET A 328 8.75 -16.50 -7.56
N GLN A 329 9.38 -17.49 -6.94
CA GLN A 329 9.77 -17.50 -5.52
C GLN A 329 10.87 -16.46 -5.29
N GLN A 330 11.88 -16.44 -6.15
CA GLN A 330 13.03 -15.54 -6.08
C GLN A 330 12.66 -14.09 -6.32
N VAL A 331 11.68 -13.82 -7.18
CA VAL A 331 11.20 -12.44 -7.42
C VAL A 331 10.24 -11.93 -6.32
N GLY A 332 9.87 -12.83 -5.38
CA GLY A 332 9.05 -12.50 -4.21
C GLY A 332 7.56 -12.75 -4.28
N LEU A 333 7.08 -13.47 -5.29
CA LEU A 333 5.65 -13.78 -5.41
C LEU A 333 5.23 -14.80 -4.36
N GLY A 334 4.19 -14.47 -3.58
CA GLY A 334 3.73 -15.30 -2.47
C GLY A 334 4.77 -15.41 -1.36
N GLN A 335 5.67 -14.43 -1.27
CA GLN A 335 6.76 -14.38 -0.27
C GLN A 335 6.65 -13.13 0.61
N ASP A 336 7.17 -13.25 1.85
CA ASP A 336 7.24 -12.18 2.86
C ASP A 336 8.06 -11.04 2.24
N THR A 337 7.50 -9.83 2.26
CA THR A 337 8.10 -8.64 1.67
C THR A 337 9.18 -8.02 2.58
N GLY A 338 9.19 -8.44 3.84
CA GLY A 338 10.10 -7.91 4.86
C GLY A 338 9.77 -6.50 5.30
N LEU A 339 8.61 -5.96 4.87
CA LEU A 339 8.18 -4.61 5.23
C LEU A 339 7.69 -4.46 6.66
N GLY A 340 7.33 -5.59 7.29
CA GLY A 340 6.88 -5.64 8.68
C GLY A 340 5.67 -4.79 9.01
N PHE A 341 4.71 -4.70 8.08
CA PHE A 341 3.45 -3.98 8.33
C PHE A 341 2.52 -5.03 8.96
N PRO A 342 2.11 -4.93 10.25
CA PRO A 342 1.22 -5.98 10.81
C PRO A 342 -0.07 -6.13 10.01
N GLY A 343 -0.55 -7.36 9.87
CA GLY A 343 -1.72 -7.68 9.05
C GLY A 343 -1.43 -7.82 7.57
N GLU A 344 -0.15 -7.61 7.16
CA GLU A 344 0.30 -7.72 5.77
C GLU A 344 0.09 -9.17 5.34
N ARG A 345 -0.42 -9.39 4.13
CA ARG A 345 -0.67 -10.73 3.61
C ARG A 345 0.51 -11.19 2.77
N VAL A 346 0.93 -12.46 2.97
CA VAL A 346 2.07 -13.11 2.29
C VAL A 346 1.55 -13.80 1.00
N GLY A 347 0.34 -14.31 1.06
CA GLY A 347 -0.27 -15.00 -0.07
C GLY A 347 0.22 -16.43 -0.16
N ASN A 348 0.22 -17.00 -1.38
CA ASN A 348 0.62 -18.38 -1.61
C ASN A 348 1.14 -18.64 -3.02
N LEU A 349 2.28 -19.29 -3.08
CA LEU A 349 2.89 -19.76 -4.30
C LEU A 349 2.87 -21.27 -4.12
N PRO A 350 2.00 -22.03 -4.84
CA PRO A 350 1.95 -23.49 -4.63
C PRO A 350 3.28 -24.18 -4.97
N ASN A 351 3.59 -25.25 -4.24
CA ASN A 351 4.81 -26.03 -4.44
C ASN A 351 4.53 -27.50 -4.28
N HIS A 352 5.36 -28.33 -4.95
CA HIS A 352 5.25 -29.79 -4.98
C HIS A 352 6.63 -30.38 -5.05
N ARG A 353 6.76 -31.64 -4.57
CA ARG A 353 7.99 -32.41 -4.72
C ARG A 353 7.89 -32.91 -6.17
N LYS A 354 6.73 -33.44 -6.53
CA LYS A 354 6.41 -33.97 -7.85
C LYS A 354 5.22 -33.18 -8.40
N TRP A 355 5.49 -32.31 -9.37
CA TRP A 355 4.48 -31.46 -10.00
C TRP A 355 3.63 -32.24 -11.01
N PRO A 356 2.30 -32.41 -10.81
CA PRO A 356 1.50 -33.05 -11.87
C PRO A 356 1.36 -32.08 -13.04
N LYS A 357 0.94 -32.58 -14.22
CA LYS A 357 0.78 -31.74 -15.42
C LYS A 357 -0.17 -30.52 -15.24
N ALA A 358 -1.35 -30.69 -14.60
CA ALA A 358 -2.31 -29.61 -14.40
C ALA A 358 -1.79 -28.43 -13.53
N GLU A 359 -1.08 -28.74 -12.44
CA GLU A 359 -0.52 -27.74 -11.52
C GLU A 359 0.65 -27.01 -12.17
N THR A 360 1.41 -27.73 -13.04
CA THR A 360 2.53 -27.20 -13.82
C THR A 360 2.02 -26.06 -14.74
N ALA A 361 0.91 -26.32 -15.47
CA ALA A 361 0.23 -25.39 -16.36
C ALA A 361 -0.35 -24.18 -15.61
N THR A 362 -1.17 -24.40 -14.57
CA THR A 362 -1.82 -23.34 -13.79
C THR A 362 -0.80 -22.43 -13.11
N LEU A 363 0.34 -22.99 -12.62
CA LEU A 363 1.42 -22.17 -12.04
C LEU A 363 1.93 -21.23 -13.13
N ALA A 364 2.20 -21.79 -14.34
CA ALA A 364 2.74 -21.09 -15.49
C ALA A 364 1.89 -19.93 -15.97
N TYR A 365 0.56 -20.10 -15.92
CA TYR A 365 -0.33 -19.01 -16.30
C TYR A 365 -1.01 -18.25 -15.13
N GLY A 366 -0.51 -18.49 -13.92
CA GLY A 366 -0.92 -17.76 -12.72
C GLY A 366 -2.29 -18.03 -12.14
N TYR A 367 -2.85 -19.20 -12.44
CA TYR A 367 -4.15 -19.58 -11.89
C TYR A 367 -4.05 -20.07 -10.44
N GLY A 368 -3.11 -20.93 -10.14
CA GLY A 368 -3.07 -21.46 -8.77
C GLY A 368 -2.73 -20.53 -7.61
N LEU A 369 -2.20 -19.32 -7.91
CA LEU A 369 -1.61 -18.41 -6.92
C LEU A 369 -2.37 -17.21 -6.32
N SER A 370 -1.87 -16.76 -5.16
CA SER A 370 -2.36 -15.60 -4.41
C SER A 370 -1.18 -14.72 -4.12
N VAL A 371 -1.22 -13.49 -4.64
CA VAL A 371 -0.14 -12.52 -4.43
C VAL A 371 -0.78 -11.18 -4.10
N THR A 372 0.01 -10.25 -3.59
CA THR A 372 -0.47 -8.88 -3.32
C THR A 372 0.04 -7.95 -4.44
N ALA A 373 -0.49 -6.73 -4.52
CA ALA A 373 -0.09 -5.75 -5.54
C ALA A 373 1.38 -5.33 -5.32
N ILE A 374 1.82 -5.21 -4.06
CA ILE A 374 3.19 -4.88 -3.68
C ILE A 374 4.16 -5.97 -4.14
N GLN A 375 3.82 -7.27 -3.93
CA GLN A 375 4.66 -8.37 -4.40
C GLN A 375 4.76 -8.33 -5.91
N LEU A 376 3.62 -8.15 -6.60
CA LEU A 376 3.62 -8.11 -8.07
C LEU A 376 4.49 -6.98 -8.62
N ALA A 377 4.38 -5.76 -8.04
CA ALA A 377 5.20 -4.60 -8.46
C ALA A 377 6.69 -4.84 -8.18
N HIS A 378 7.00 -5.53 -7.07
CA HIS A 378 8.36 -5.86 -6.66
C HIS A 378 9.02 -6.84 -7.65
N ALA A 379 8.23 -7.84 -8.09
CA ALA A 379 8.64 -8.85 -9.07
C ALA A 379 8.95 -8.15 -10.40
N TYR A 380 8.06 -7.25 -10.85
CA TYR A 380 8.24 -6.47 -12.07
C TYR A 380 9.42 -5.51 -11.97
N ALA A 381 9.71 -4.99 -10.75
CA ALA A 381 10.88 -4.13 -10.52
C ALA A 381 12.17 -4.92 -10.73
N ALA A 382 12.24 -6.19 -10.23
CA ALA A 382 13.42 -7.08 -10.41
C ALA A 382 13.73 -7.29 -11.88
N LEU A 383 12.70 -7.65 -12.66
CA LEU A 383 12.73 -7.84 -14.10
C LEU A 383 13.17 -6.57 -14.84
N ALA A 384 12.62 -5.43 -14.45
CA ALA A 384 12.93 -4.12 -15.04
C ALA A 384 14.38 -3.70 -14.74
N ASN A 385 14.86 -4.02 -13.53
CA ASN A 385 16.22 -3.73 -13.05
C ASN A 385 17.20 -4.82 -13.49
N ASP A 386 17.15 -5.20 -14.76
CA ASP A 386 17.98 -6.24 -15.37
C ASP A 386 18.15 -7.51 -14.53
N GLY A 387 17.04 -7.97 -13.93
CA GLY A 387 17.01 -9.20 -13.14
C GLY A 387 17.50 -9.07 -11.73
N LYS A 388 17.82 -7.86 -11.28
CA LYS A 388 18.28 -7.65 -9.91
C LYS A 388 17.14 -7.17 -9.00
N SER A 389 16.87 -7.95 -7.95
CA SER A 389 15.87 -7.62 -6.95
C SER A 389 16.47 -6.78 -5.84
N VAL A 390 15.89 -5.59 -5.58
CA VAL A 390 16.38 -4.70 -4.54
C VAL A 390 15.33 -4.71 -3.41
N PRO A 391 15.74 -4.88 -2.12
CA PRO A 391 14.72 -4.96 -1.06
C PRO A 391 13.72 -3.80 -1.07
N LEU A 392 12.44 -4.12 -0.90
CA LEU A 392 11.34 -3.17 -0.83
C LEU A 392 11.53 -2.23 0.34
N SER A 393 11.22 -0.96 0.14
CA SER A 393 11.31 0.02 1.21
C SER A 393 10.15 1.00 1.16
N MET A 394 9.59 1.31 2.34
CA MET A 394 8.52 2.31 2.47
C MET A 394 9.11 3.65 2.97
N THR A 395 10.41 3.67 3.26
CA THR A 395 11.13 4.87 3.71
C THR A 395 12.14 5.27 2.64
N ARG A 396 12.54 6.55 2.59
CA ARG A 396 13.52 7.07 1.63
C ARG A 396 14.84 6.34 1.74
N VAL A 397 15.30 5.81 0.60
CA VAL A 397 16.56 5.05 0.51
C VAL A 397 17.65 5.98 0.01
N ASP A 398 18.60 6.33 0.89
CA ASP A 398 19.74 7.18 0.54
C ASP A 398 20.89 6.33 0.03
N ARG A 399 21.22 5.24 0.74
CA ARG A 399 22.23 4.26 0.38
C ARG A 399 21.48 3.01 -0.04
N VAL A 400 21.59 2.65 -1.32
CA VAL A 400 20.90 1.51 -1.89
C VAL A 400 21.58 0.20 -1.45
N PRO A 401 20.83 -0.76 -0.84
CA PRO A 401 21.46 -2.05 -0.51
C PRO A 401 21.83 -2.80 -1.79
N ASP A 402 22.72 -3.80 -1.69
CA ASP A 402 23.25 -4.55 -2.83
C ASP A 402 22.25 -5.22 -3.77
N GLY A 403 21.18 -5.79 -3.25
CA GLY A 403 20.24 -6.47 -4.12
C GLY A 403 20.72 -7.83 -4.59
N VAL A 404 19.79 -8.69 -5.07
CA VAL A 404 20.11 -10.04 -5.50
C VAL A 404 19.78 -10.23 -6.97
N GLN A 405 20.74 -10.77 -7.74
CA GLN A 405 20.56 -11.09 -9.14
C GLN A 405 19.74 -12.37 -9.19
N VAL A 406 18.43 -12.22 -9.33
CA VAL A 406 17.46 -13.33 -9.35
C VAL A 406 17.29 -13.89 -10.75
N ILE A 407 17.38 -13.03 -11.77
CA ILE A 407 17.30 -13.42 -13.18
C ILE A 407 18.57 -12.91 -13.81
N SER A 408 19.17 -13.66 -14.74
CA SER A 408 20.40 -13.21 -15.38
C SER A 408 20.12 -11.94 -16.20
N PRO A 409 21.08 -10.99 -16.23
CA PRO A 409 20.83 -9.74 -17.00
C PRO A 409 20.39 -9.96 -18.45
N GLU A 410 20.96 -10.97 -19.14
CA GLU A 410 20.61 -11.28 -20.54
C GLU A 410 19.17 -11.75 -20.68
N VAL A 411 18.75 -12.71 -19.83
CA VAL A 411 17.38 -13.22 -19.82
C VAL A 411 16.41 -12.08 -19.52
N ALA A 412 16.71 -11.26 -18.49
CA ALA A 412 15.80 -10.17 -18.11
C ALA A 412 15.68 -9.15 -19.24
N SER A 413 16.81 -8.82 -19.89
CA SER A 413 16.85 -7.91 -21.02
C SER A 413 16.03 -8.45 -22.22
N THR A 414 16.07 -9.77 -22.48
CA THR A 414 15.27 -10.39 -23.56
C THR A 414 13.76 -10.27 -23.22
N VAL A 415 13.39 -10.68 -21.99
CA VAL A 415 12.01 -10.58 -21.50
C VAL A 415 11.50 -9.14 -21.57
N GLN A 416 12.33 -8.16 -21.21
CA GLN A 416 11.94 -6.73 -21.32
C GLN A 416 11.56 -6.35 -22.76
N GLY A 417 12.35 -6.81 -23.73
CA GLY A 417 12.13 -6.56 -25.16
C GLY A 417 10.83 -7.16 -25.64
N MET A 418 10.53 -8.40 -25.18
CA MET A 418 9.27 -9.10 -25.49
C MET A 418 8.10 -8.33 -24.91
N LEU A 419 8.22 -7.85 -23.66
CA LEU A 419 7.18 -7.04 -23.02
C LEU A 419 7.02 -5.69 -23.71
N GLN A 420 8.09 -5.15 -24.30
CA GLN A 420 7.97 -3.88 -25.06
C GLN A 420 7.09 -4.17 -26.31
N GLN A 421 7.33 -5.32 -26.97
CA GLN A 421 6.56 -5.78 -28.12
C GLN A 421 5.13 -6.03 -27.75
N VAL A 422 4.86 -6.58 -26.55
CA VAL A 422 3.48 -6.80 -26.05
C VAL A 422 2.67 -5.46 -26.09
N VAL A 423 3.31 -4.37 -25.67
CA VAL A 423 2.70 -3.03 -25.66
C VAL A 423 2.64 -2.42 -27.09
N GLU A 424 3.72 -2.56 -27.87
CA GLU A 424 3.86 -1.89 -29.18
C GLU A 424 3.53 -2.65 -30.47
N ALA A 425 3.63 -3.99 -30.48
CA ALA A 425 3.39 -4.80 -31.67
C ALA A 425 1.93 -4.80 -32.09
N GLN A 426 1.65 -5.24 -33.34
CA GLN A 426 0.30 -5.39 -33.90
C GLN A 426 -0.43 -6.43 -33.06
N GLY A 427 -1.64 -6.10 -32.61
CA GLY A 427 -2.43 -6.96 -31.75
C GLY A 427 -2.05 -6.86 -30.29
N GLY A 428 -1.10 -5.97 -29.97
CA GLY A 428 -0.62 -5.75 -28.61
C GLY A 428 -1.54 -4.93 -27.72
N VAL A 429 -1.04 -4.59 -26.52
CA VAL A 429 -1.77 -3.83 -25.51
C VAL A 429 -1.48 -2.34 -25.78
N PHE A 430 -2.04 -1.82 -26.89
CA PHE A 430 -1.84 -0.44 -27.35
C PHE A 430 -2.26 0.60 -26.31
N ARG A 431 -3.22 0.27 -25.44
CA ARG A 431 -3.69 1.17 -24.40
C ARG A 431 -2.67 1.44 -23.30
N ALA A 432 -1.59 0.63 -23.24
CA ALA A 432 -0.49 0.77 -22.27
C ALA A 432 0.60 1.67 -22.81
N GLN A 433 0.55 2.00 -24.12
CA GLN A 433 1.53 2.86 -24.77
C GLN A 433 1.65 4.21 -24.07
N VAL A 434 2.90 4.65 -23.87
CA VAL A 434 3.19 5.89 -23.15
C VAL A 434 3.78 6.87 -24.13
N PRO A 435 2.96 7.78 -24.69
CA PRO A 435 3.48 8.71 -25.71
C PRO A 435 4.79 9.42 -25.36
N GLY A 436 5.79 9.20 -26.21
CA GLY A 436 7.13 9.77 -26.05
C GLY A 436 8.14 8.79 -25.48
N TYR A 437 7.67 7.65 -24.95
CA TYR A 437 8.53 6.65 -24.33
C TYR A 437 8.23 5.26 -24.82
N HIS A 438 9.20 4.36 -24.64
CA HIS A 438 9.03 2.96 -24.92
C HIS A 438 8.58 2.35 -23.58
N ALA A 439 7.35 1.86 -23.52
CA ALA A 439 6.87 1.19 -22.31
C ALA A 439 6.80 -0.34 -22.57
N ALA A 440 6.83 -1.14 -21.49
CA ALA A 440 6.77 -2.61 -21.53
C ALA A 440 5.87 -3.11 -20.41
N GLY A 441 5.15 -4.20 -20.69
CA GLY A 441 4.27 -4.78 -19.70
C GLY A 441 3.44 -5.94 -20.18
N LYS A 442 2.61 -6.46 -19.28
CA LYS A 442 1.71 -7.57 -19.54
C LYS A 442 0.40 -7.32 -18.81
N SER A 443 -0.70 -7.55 -19.51
CA SER A 443 -2.02 -7.41 -18.93
C SER A 443 -2.41 -8.71 -18.24
N GLY A 444 -3.46 -8.65 -17.45
CA GLY A 444 -4.04 -9.79 -16.77
C GLY A 444 -5.53 -9.60 -16.62
N THR A 445 -6.28 -10.69 -16.68
CA THR A 445 -7.73 -10.73 -16.43
C THR A 445 -7.95 -12.02 -15.70
N ALA A 446 -8.49 -11.95 -14.48
CA ALA A 446 -8.76 -13.12 -13.68
C ALA A 446 -10.24 -13.23 -13.37
N ARG A 447 -10.81 -14.40 -13.65
CA ARG A 447 -12.21 -14.68 -13.32
C ARG A 447 -12.18 -15.11 -11.87
N LYS A 448 -12.88 -14.36 -11.01
CA LYS A 448 -12.95 -14.60 -9.56
C LYS A 448 -13.76 -15.84 -9.23
N ASN A 459 -20.60 -13.47 -13.32
CA ASN A 459 -19.15 -13.52 -13.44
C ASN A 459 -18.48 -12.26 -12.92
N ALA A 460 -17.58 -12.43 -11.95
CA ALA A 460 -16.82 -11.36 -11.32
C ALA A 460 -15.36 -11.44 -11.82
N TYR A 461 -14.78 -10.28 -12.20
CA TYR A 461 -13.41 -10.20 -12.73
C TYR A 461 -12.50 -9.26 -11.99
N ARG A 462 -11.20 -9.53 -12.10
CA ARG A 462 -10.18 -8.62 -11.60
C ARG A 462 -9.35 -8.21 -12.81
N SER A 463 -9.24 -6.90 -13.07
CA SER A 463 -8.48 -6.40 -14.21
C SER A 463 -7.10 -5.93 -13.78
N LEU A 464 -6.05 -6.44 -14.44
CA LEU A 464 -4.67 -6.15 -14.11
C LEU A 464 -3.84 -5.66 -15.25
N PHE A 465 -2.84 -4.85 -14.92
CA PHE A 465 -1.76 -4.42 -15.80
C PHE A 465 -0.55 -4.21 -14.93
N ALA A 466 0.59 -4.80 -15.35
CA ALA A 466 1.86 -4.66 -14.67
C ALA A 466 2.91 -4.33 -15.72
N GLY A 467 3.73 -3.33 -15.45
CA GLY A 467 4.73 -2.97 -16.44
C GLY A 467 5.79 -2.03 -15.90
N PHE A 468 6.59 -1.48 -16.82
CA PHE A 468 7.70 -0.58 -16.48
C PHE A 468 8.13 0.26 -17.66
N ALA A 469 8.88 1.32 -17.35
CA ALA A 469 9.35 2.28 -18.33
C ALA A 469 10.49 3.12 -17.77
N PRO A 470 11.33 3.72 -18.65
CA PRO A 470 11.40 3.57 -20.12
C PRO A 470 12.09 2.25 -20.49
N ALA A 471 11.74 1.62 -21.61
CA ALA A 471 12.40 0.36 -22.00
C ALA A 471 13.94 0.43 -22.17
N THR A 472 14.52 1.59 -22.60
CA THR A 472 15.99 1.75 -22.78
C THR A 472 16.78 1.62 -21.48
N ASP A 473 16.26 2.19 -20.39
CA ASP A 473 16.84 2.08 -19.06
C ASP A 473 15.66 2.19 -18.09
N PRO A 474 15.01 1.06 -17.74
CA PRO A 474 13.83 1.12 -16.86
C PRO A 474 14.07 1.87 -15.55
N ARG A 475 13.15 2.76 -15.22
CA ARG A 475 13.21 3.57 -14.03
C ARG A 475 12.10 3.28 -13.03
N ILE A 476 10.88 3.05 -13.54
CA ILE A 476 9.66 2.84 -12.73
C ILE A 476 8.94 1.56 -13.13
N ALA A 477 8.48 0.76 -12.15
CA ALA A 477 7.63 -0.40 -12.36
C ALA A 477 6.28 0.00 -11.77
N MET A 478 5.20 -0.46 -12.37
CA MET A 478 3.87 -0.09 -11.89
C MET A 478 2.89 -1.21 -12.00
N VAL A 479 2.03 -1.34 -10.99
CA VAL A 479 0.95 -2.34 -11.00
C VAL A 479 -0.37 -1.62 -10.84
N VAL A 480 -1.33 -1.91 -11.72
CA VAL A 480 -2.68 -1.33 -11.68
C VAL A 480 -3.64 -2.52 -11.51
N VAL A 481 -4.35 -2.57 -10.38
CA VAL A 481 -5.29 -3.66 -10.10
C VAL A 481 -6.68 -3.05 -9.91
N ILE A 482 -7.65 -3.43 -10.78
CA ILE A 482 -9.03 -2.95 -10.73
C ILE A 482 -9.97 -4.11 -10.41
N ASP A 483 -10.49 -4.08 -9.20
CA ASP A 483 -11.35 -5.13 -8.69
C ASP A 483 -12.83 -4.95 -9.12
N GLU A 484 -13.33 -5.94 -9.85
CA GLU A 484 -14.70 -6.03 -10.36
C GLU A 484 -15.16 -4.85 -11.24
N PRO A 485 -14.55 -4.58 -12.41
CA PRO A 485 -15.10 -3.53 -13.29
C PRO A 485 -16.50 -3.99 -13.74
N SER A 486 -17.46 -3.06 -13.86
CA SER A 486 -18.86 -3.38 -14.18
C SER A 486 -19.40 -2.97 -15.59
N LYS A 487 -18.54 -2.45 -16.48
CA LYS A 487 -18.92 -2.09 -17.85
C LYS A 487 -18.57 -3.28 -18.78
N ALA A 488 -19.03 -3.25 -20.06
CA ALA A 488 -18.83 -4.31 -21.06
C ALA A 488 -17.41 -4.90 -21.09
N GLY A 489 -16.42 -4.03 -21.24
CA GLY A 489 -15.01 -4.43 -21.27
C GLY A 489 -14.42 -4.51 -19.88
N TYR A 490 -14.01 -5.73 -19.47
CA TYR A 490 -13.43 -6.03 -18.16
C TYR A 490 -11.97 -6.54 -18.26
N PHE A 491 -11.46 -6.74 -19.49
CA PHE A 491 -10.10 -7.22 -19.73
C PHE A 491 -9.06 -6.22 -19.24
N GLY A 492 -7.96 -6.74 -18.68
CA GLY A 492 -6.85 -5.95 -18.18
C GLY A 492 -6.28 -4.95 -19.18
N GLY A 493 -6.18 -5.35 -20.43
CA GLY A 493 -5.68 -4.49 -21.50
C GLY A 493 -6.59 -3.34 -21.88
N LEU A 494 -7.85 -3.40 -21.41
CA LEU A 494 -8.90 -2.44 -21.66
C LEU A 494 -9.16 -1.55 -20.42
N VAL A 495 -9.24 -2.17 -19.23
CA VAL A 495 -9.54 -1.50 -17.97
C VAL A 495 -8.31 -0.90 -17.27
N SER A 496 -7.24 -1.71 -17.09
CA SER A 496 -6.03 -1.29 -16.35
C SER A 496 -4.91 -0.63 -17.18
N ALA A 497 -4.66 -1.11 -18.41
CA ALA A 497 -3.63 -0.56 -19.30
C ALA A 497 -3.71 0.95 -19.48
N PRO A 498 -4.90 1.60 -19.71
CA PRO A 498 -4.89 3.09 -19.85
C PRO A 498 -4.50 3.82 -18.58
N VAL A 499 -4.76 3.21 -17.38
CA VAL A 499 -4.43 3.81 -16.09
C VAL A 499 -2.90 3.84 -16.01
N PHE A 500 -2.25 2.71 -16.36
CA PHE A 500 -0.80 2.57 -16.45
C PHE A 500 -0.23 3.66 -17.34
N SER A 501 -0.81 3.85 -18.55
CA SER A 501 -0.39 4.85 -19.53
C SER A 501 -0.42 6.25 -18.92
N LYS A 502 -1.58 6.65 -18.36
CA LYS A 502 -1.79 7.97 -17.73
C LYS A 502 -0.86 8.21 -16.56
N VAL A 503 -0.75 7.23 -15.64
CA VAL A 503 0.10 7.38 -14.46
C VAL A 503 1.56 7.39 -14.87
N MET A 504 1.95 6.48 -15.77
CA MET A 504 3.33 6.41 -16.26
C MET A 504 3.78 7.70 -16.94
N ALA A 505 2.98 8.22 -17.88
CA ALA A 505 3.27 9.47 -18.59
C ALA A 505 3.59 10.63 -17.64
N GLY A 506 2.77 10.81 -16.61
CA GLY A 506 2.97 11.86 -15.62
C GLY A 506 4.15 11.62 -14.70
N ALA A 507 4.29 10.39 -14.15
CA ALA A 507 5.37 10.02 -13.22
C ALA A 507 6.75 10.17 -13.79
N LEU A 508 6.94 9.75 -15.06
CA LEU A 508 8.22 9.87 -15.76
C LEU A 508 8.58 11.35 -15.97
N ARG A 509 7.59 12.18 -16.27
CA ARG A 509 7.84 13.62 -16.47
C ARG A 509 8.08 14.33 -15.14
N LEU A 510 7.35 13.93 -14.07
CA LEU A 510 7.54 14.47 -12.72
C LEU A 510 8.95 14.14 -12.24
N MET A 511 9.50 12.96 -12.65
CA MET A 511 10.85 12.52 -12.29
C MET A 511 11.90 12.98 -13.30
N ASN A 512 11.48 13.75 -14.33
CA ASN A 512 12.34 14.31 -15.37
C ASN A 512 13.12 13.23 -16.11
N VAL A 513 12.45 12.10 -16.37
CA VAL A 513 13.03 10.99 -17.10
C VAL A 513 13.00 11.42 -18.58
N PRO A 514 14.16 11.48 -19.28
CA PRO A 514 14.13 11.91 -20.69
C PRO A 514 13.36 10.97 -21.60
N PRO A 515 12.46 11.48 -22.48
CA PRO A 515 11.72 10.60 -23.41
C PRO A 515 12.69 9.77 -24.25
N ASP A 516 12.43 8.46 -24.39
CA ASP A 516 13.32 7.58 -25.12
C ASP A 516 12.84 7.10 -26.50
N ASN A 517 11.61 7.47 -26.92
CA ASN A 517 11.16 7.08 -28.27
C ASN A 517 11.71 8.16 -29.21
N LEU A 518 13.04 8.04 -29.48
CA LEU A 518 13.89 8.96 -30.22
C LEU A 518 14.37 8.40 -31.57
N PRO A 519 14.82 9.26 -32.53
CA PRO A 519 15.36 8.73 -33.80
C PRO A 519 16.81 8.27 -33.65
N THR A 520 17.01 6.94 -33.51
CA THR A 520 18.30 6.23 -33.37
C THR A 520 19.55 7.14 -33.21
N ALA A 521 19.65 7.80 -32.03
CA ALA A 521 20.73 8.73 -31.68
C ALA A 521 22.06 8.01 -31.49
C36 PFV B . -7.84 -12.92 -22.61
C34 PFV B . -8.27 -11.01 -24.07
C6 PFV B . -8.14 -16.04 -16.83
C9 PFV B . -7.66 -16.33 -15.48
O15 PFV B . -9.70 -15.40 -18.31
C18 PFV B . -11.24 -14.63 -20.04
C16 PFV B . -11.04 -14.89 -18.54
C19 PFV B . -11.43 -13.62 -17.83
C26 PFV B . -10.35 -11.07 -25.42
O37 PFV B . -8.54 -12.51 -21.70
N35 PFV B . -7.95 -12.40 -23.85
C27 PFV B . -9.00 -10.86 -25.39
N28 PFV B . -8.28 -10.54 -26.55
O38 PFV B . -6.86 -10.32 -26.50
C29 PFV B . -8.95 -10.40 -27.78
C30 PFV B . -10.29 -10.57 -27.95
O33 PFV B . -10.96 -10.44 -29.16
C31 PFV B . -11.09 -10.93 -26.72
O32 PFV B . -12.30 -11.11 -26.79
N4 PFV B . -6.88 -13.94 -22.46
C3 PFV B . -6.75 -14.60 -21.16
C2 PFV B . -5.70 -13.89 -20.30
N1 PFV B . -6.11 -12.54 -19.95
S22 PFV B . -5.23 -11.17 -20.49
O25 PFV B . -3.97 -11.24 -19.79
O24 PFV B . -5.92 -10.00 -20.04
O23 PFV B . -5.12 -11.23 -21.90
CA PFV B . -5.43 -14.67 -18.98
C PFV B . -4.41 -13.93 -18.17
O PFV B . -4.65 -13.21 -17.20
N PFV B . -6.62 -14.76 -18.18
C5 PFV B . -7.12 -15.99 -17.99
O7 PFV B . -6.80 -16.98 -18.63
N8 PFV B . -9.41 -15.84 -16.97
C17 PFV B . -12.13 -16.00 -18.20
O21 PFV B . -11.73 -17.16 -17.90
O20 PFV B . -13.32 -15.66 -18.25
N13 PFV B . -8.51 -16.41 -14.38
C12 PFV B . -7.92 -16.64 -13.26
N14 PFV B . -8.51 -16.76 -12.00
S11 PFV B . -6.21 -16.82 -13.48
C10 PFV B . -6.32 -16.57 -15.19
#